data_1MRE
#
_entry.id   1MRE
#
_cell.length_a   66.200
_cell.length_b   75.500
_cell.length_c   104.700
_cell.angle_alpha   90.00
_cell.angle_beta   90.00
_cell.angle_gamma   90.00
#
_symmetry.space_group_name_H-M   'P 21 21 21'
#
loop_
_entity.id
_entity.type
_entity.pdbx_description
1 polymer 'IGG2B-KAPPA JEL103 FAB (LIGHT CHAIN)'
2 polymer 'IGG2B-KAPPA JEL103 FAB (HEAVY CHAIN)'
3 non-polymer 'ZINC ION'
4 non-polymer IMIDAZOLE
5 non-polymer "GUANOSINE-5'-DIPHOSPHATE"
6 water water
#
loop_
_entity_poly.entity_id
_entity_poly.type
_entity_poly.pdbx_seq_one_letter_code
_entity_poly.pdbx_strand_id
1 'polypeptide(L)'
;DVVMTQTPLSLPVSLGDQASISCRSSQSLVHSNGNTYLHWYLQKPGQSPKLLIYKVSNRFSGVPDRFSGSGSGTDFTLKI
SRVEAEDLGVYFCSQSTHVPRTFGGGTKLEIKRADAAPTVSIFPPSSEQLTSGGASVVCFLNNFYPKDINVKWKIDGKER
QNGVLNSWTDQNSKDSTYSMSSTLTLTKDEYERHNSYTCEATHKTSTSPIVKSFNRNEC
;
L
2 'polypeptide(L)'
;QVQLQQSGAELVKPGASVKLSCKASGYTFTSYWMQWVKQRPGQGLEWIGEIDPSDSYTNYNQKFKGKATLTVDTSSSTAY
MQLSSLTSEDSAVYYCANLRGYFDYWGQGTTLTVSSAKTTPPSVYPLAPGCGDTTGSSVTLGCLVKGYFPESVTVTWNSG
SLSSSVHTFPALLQSGLYTMSSSVTVPSSTWPSQTVTCSVAHPASSTTVDKKLEP
;
H
#
# COMPACT_ATOMS: atom_id res chain seq x y z
N ASP A 1 15.95 -16.32 18.86
CA ASP A 1 14.92 -15.95 17.86
C ASP A 1 13.83 -17.01 17.83
N VAL A 2 12.65 -16.61 18.28
CA VAL A 2 11.50 -17.50 18.33
C VAL A 2 10.69 -17.36 17.05
N VAL A 3 10.58 -18.45 16.29
CA VAL A 3 9.83 -18.39 15.04
C VAL A 3 8.34 -18.48 15.29
N MET A 4 7.60 -17.48 14.80
CA MET A 4 6.14 -17.42 14.90
C MET A 4 5.64 -17.91 13.56
N THR A 5 4.65 -18.81 13.57
CA THR A 5 4.07 -19.38 12.35
C THR A 5 2.56 -19.18 12.27
N GLN A 6 2.10 -18.39 11.30
CA GLN A 6 0.67 -18.14 11.15
C GLN A 6 -0.01 -19.02 10.11
N THR A 7 -1.28 -19.33 10.36
CA THR A 7 -2.10 -20.15 9.47
C THR A 7 -3.54 -19.67 9.55
N PRO A 8 -4.19 -19.48 8.40
CA PRO A 8 -3.64 -19.69 7.06
C PRO A 8 -2.90 -18.45 6.56
N LEU A 9 -2.41 -18.52 5.33
CA LEU A 9 -1.71 -17.39 4.75
C LEU A 9 -2.72 -16.34 4.26
N SER A 10 -3.86 -16.78 3.72
CA SER A 10 -4.89 -15.85 3.27
C SER A 10 -6.23 -16.49 3.66
N LEU A 11 -7.22 -15.66 3.95
CA LEU A 11 -8.48 -16.18 4.42
C LEU A 11 -9.69 -15.53 3.78
N PRO A 12 -10.31 -16.18 2.80
CA PRO A 12 -11.50 -15.63 2.14
C PRO A 12 -12.66 -15.87 3.11
N VAL A 13 -13.46 -14.85 3.36
CA VAL A 13 -14.56 -14.97 4.28
C VAL A 13 -15.59 -13.92 3.95
N SER A 14 -16.87 -14.31 4.04
CA SER A 14 -18.01 -13.45 3.74
C SER A 14 -18.31 -12.51 4.89
N LEU A 15 -18.95 -11.38 4.60
CA LEU A 15 -19.29 -10.44 5.67
C LEU A 15 -20.34 -11.13 6.53
N GLY A 16 -20.30 -10.89 7.83
CA GLY A 16 -21.24 -11.49 8.74
C GLY A 16 -20.71 -12.74 9.42
N ASP A 17 -19.93 -13.53 8.69
CA ASP A 17 -19.37 -14.77 9.22
C ASP A 17 -18.29 -14.60 10.27
N GLN A 18 -17.82 -15.73 10.77
CA GLN A 18 -16.81 -15.82 11.81
C GLN A 18 -15.47 -16.17 11.15
N ALA A 19 -14.38 -15.66 11.71
CA ALA A 19 -13.03 -15.93 11.17
C ALA A 19 -12.02 -16.19 12.28
N SER A 20 -11.13 -17.15 12.08
CA SER A 20 -10.09 -17.41 13.09
C SER A 20 -8.72 -17.54 12.44
N ILE A 21 -7.73 -16.89 13.05
CA ILE A 21 -6.37 -16.89 12.54
C ILE A 21 -5.53 -17.56 13.59
N SER A 22 -4.67 -18.48 13.20
CA SER A 22 -3.87 -19.21 14.17
C SER A 22 -2.42 -18.76 14.14
N CYS A 23 -1.71 -19.06 15.23
CA CYS A 23 -0.31 -18.68 15.36
C CYS A 23 0.37 -19.63 16.33
N ARG A 24 1.44 -20.26 15.86
CA ARG A 24 2.25 -21.20 16.63
C ARG A 24 3.64 -20.59 16.82
N SER A 25 4.29 -20.88 17.94
CA SER A 25 5.63 -20.37 18.16
C SER A 25 6.59 -21.55 18.40
N SER A 26 7.87 -21.36 18.06
CA SER A 26 8.87 -22.41 18.25
C SER A 26 9.09 -22.81 19.71
N GLN A 27 8.90 -21.88 20.63
CA GLN A 27 9.09 -22.11 22.06
C GLN A 27 7.88 -21.56 22.80
N SER A 28 7.68 -22.04 24.01
CA SER A 28 6.58 -21.59 24.85
C SER A 28 6.75 -20.10 25.05
N LEU A 29 5.64 -19.37 25.02
CA LEU A 29 5.70 -17.95 25.21
C LEU A 29 5.37 -17.50 26.64
N VAL A 30 5.44 -18.42 27.60
CA VAL A 30 5.18 -18.08 28.99
C VAL A 30 6.47 -17.59 29.61
N HIS A 31 6.43 -16.39 30.16
CA HIS A 31 7.56 -15.75 30.78
C HIS A 31 7.76 -16.29 32.20
N SER A 32 9.00 -16.24 32.70
CA SER A 32 9.24 -16.71 34.04
C SER A 32 8.42 -15.91 35.07
N ASN A 33 7.86 -14.77 34.67
CA ASN A 33 7.05 -13.96 35.58
C ASN A 33 5.55 -14.30 35.47
N GLY A 34 5.24 -15.43 34.85
CA GLY A 34 3.85 -15.85 34.73
C GLY A 34 3.07 -15.39 33.51
N ASN A 35 3.37 -14.20 33.00
CA ASN A 35 2.68 -13.66 31.82
C ASN A 35 3.06 -14.29 30.49
N THR A 36 2.17 -14.19 29.51
CA THR A 36 2.41 -14.68 28.17
C THR A 36 2.27 -13.47 27.26
N TYR A 37 3.41 -13.04 26.70
CA TYR A 37 3.41 -11.85 25.86
C TYR A 37 3.20 -12.13 24.38
N LEU A 38 2.01 -12.59 24.03
CA LEU A 38 1.67 -12.82 22.63
C LEU A 38 0.65 -11.71 22.29
N HIS A 39 0.86 -11.01 21.18
CA HIS A 39 0.01 -9.88 20.76
C HIS A 39 -0.49 -10.06 19.34
N TRP A 40 -1.43 -9.21 18.94
CA TRP A 40 -2.03 -9.25 17.62
C TRP A 40 -2.16 -7.86 17.02
N TYR A 41 -1.75 -7.71 15.76
CA TYR A 41 -1.83 -6.42 15.08
C TYR A 41 -2.55 -6.54 13.77
N LEU A 42 -3.02 -5.42 13.25
CA LEU A 42 -3.69 -5.37 11.96
C LEU A 42 -3.03 -4.25 11.19
N GLN A 43 -2.65 -4.52 9.96
CA GLN A 43 -2.05 -3.47 9.16
C GLN A 43 -2.86 -3.32 7.90
N LYS A 44 -3.46 -2.15 7.75
CA LYS A 44 -4.24 -1.84 6.56
C LYS A 44 -3.24 -1.23 5.59
N PRO A 45 -3.38 -1.55 4.29
CA PRO A 45 -2.51 -1.04 3.22
C PRO A 45 -2.11 0.43 3.34
N GLY A 46 -0.81 0.66 3.25
CA GLY A 46 -0.27 2.00 3.34
C GLY A 46 -0.28 2.58 4.73
N GLN A 47 -0.46 1.74 5.74
CA GLN A 47 -0.50 2.19 7.13
C GLN A 47 0.40 1.36 8.01
N SER A 48 0.66 1.85 9.22
CA SER A 48 1.49 1.12 10.17
C SER A 48 0.64 0.11 10.94
N PRO A 49 1.26 -0.92 11.53
CA PRO A 49 0.44 -1.89 12.26
C PRO A 49 -0.30 -1.21 13.41
N LYS A 50 -1.47 -1.76 13.75
CA LYS A 50 -2.28 -1.26 14.86
C LYS A 50 -2.59 -2.43 15.76
N LEU A 51 -2.41 -2.23 17.06
CA LEU A 51 -2.63 -3.25 18.05
C LEU A 51 -4.13 -3.52 18.31
N LEU A 52 -4.50 -4.80 18.33
CA LEU A 52 -5.87 -5.22 18.63
C LEU A 52 -5.83 -5.82 20.04
N ILE A 53 -5.17 -6.97 20.15
CA ILE A 53 -5.05 -7.71 21.42
C ILE A 53 -3.60 -7.78 21.94
N TYR A 54 -3.38 -7.59 23.25
CA TYR A 54 -2.05 -7.72 23.85
C TYR A 54 -2.17 -8.69 25.00
N LYS A 55 -1.11 -9.47 25.19
CA LYS A 55 -1.08 -10.48 26.23
C LYS A 55 -2.22 -11.45 26.11
N VAL A 56 -2.31 -12.05 24.92
CA VAL A 56 -3.29 -13.06 24.58
C VAL A 56 -4.73 -12.65 24.44
N SER A 57 -5.30 -11.99 25.45
CA SER A 57 -6.73 -11.63 25.37
C SER A 57 -7.25 -10.24 25.69
N ASN A 58 -6.38 -9.33 26.10
CA ASN A 58 -6.82 -7.98 26.44
C ASN A 58 -6.92 -7.16 25.19
N ARG A 59 -7.99 -6.38 25.06
CA ARG A 59 -8.21 -5.49 23.92
C ARG A 59 -7.60 -4.11 24.18
N PHE A 60 -7.08 -3.51 23.12
CA PHE A 60 -6.47 -2.18 23.16
C PHE A 60 -7.64 -1.18 23.15
N SER A 61 -7.36 0.08 23.48
CA SER A 61 -8.39 1.12 23.52
C SER A 61 -9.26 1.20 22.29
N GLY A 62 -10.57 1.16 22.52
CA GLY A 62 -11.49 1.29 21.42
C GLY A 62 -11.71 0.06 20.59
N VAL A 63 -10.94 -1.00 20.76
CA VAL A 63 -11.16 -2.21 19.95
C VAL A 63 -12.43 -2.93 20.47
N PRO A 64 -13.38 -3.23 19.57
CA PRO A 64 -14.65 -3.89 19.87
C PRO A 64 -14.56 -5.37 20.23
N ASP A 65 -15.56 -5.85 20.97
CA ASP A 65 -15.57 -7.26 21.40
C ASP A 65 -15.76 -8.36 20.35
N ARG A 66 -15.89 -8.00 19.07
CA ARG A 66 -15.99 -9.02 18.02
C ARG A 66 -14.63 -9.70 17.97
N PHE A 67 -13.62 -8.99 18.47
CA PHE A 67 -12.25 -9.48 18.50
C PHE A 67 -11.92 -10.07 19.84
N SER A 68 -11.59 -11.34 19.85
CA SER A 68 -11.21 -11.97 21.09
C SER A 68 -9.95 -12.76 20.76
N GLY A 69 -9.12 -13.00 21.75
CA GLY A 69 -7.91 -13.75 21.55
C GLY A 69 -7.87 -14.86 22.56
N SER A 70 -7.24 -15.96 22.20
CA SER A 70 -7.14 -17.10 23.08
C SER A 70 -5.91 -17.94 22.74
N GLY A 71 -5.53 -18.82 23.64
CA GLY A 71 -4.40 -19.68 23.39
C GLY A 71 -3.59 -19.97 24.64
N SER A 72 -2.53 -20.75 24.44
CA SER A 72 -1.68 -21.13 25.54
C SER A 72 -0.34 -21.72 25.08
N GLY A 73 0.72 -21.41 25.83
CA GLY A 73 2.03 -21.96 25.54
C GLY A 73 2.59 -21.61 24.19
N THR A 74 2.25 -22.39 23.18
CA THR A 74 2.74 -22.17 21.82
C THR A 74 1.65 -21.99 20.80
N ASP A 75 0.42 -22.35 21.13
CA ASP A 75 -0.69 -22.20 20.20
C ASP A 75 -1.61 -21.07 20.59
N PHE A 76 -2.01 -20.26 19.60
CA PHE A 76 -2.89 -19.13 19.85
C PHE A 76 -3.82 -18.84 18.69
N THR A 77 -5.02 -18.37 19.03
CA THR A 77 -6.06 -18.06 18.07
C THR A 77 -6.62 -16.66 18.27
N LEU A 78 -6.90 -16.00 17.16
CA LEU A 78 -7.49 -14.68 17.14
C LEU A 78 -8.82 -14.93 16.44
N LYS A 79 -9.91 -14.47 17.03
CA LYS A 79 -11.20 -14.69 16.44
C LYS A 79 -11.97 -13.41 16.20
N ILE A 80 -12.69 -13.41 15.09
CA ILE A 80 -13.52 -12.28 14.72
C ILE A 80 -14.89 -12.96 14.65
N SER A 81 -15.71 -12.71 15.66
CA SER A 81 -17.05 -13.28 15.76
C SER A 81 -17.93 -13.10 14.51
N ARG A 82 -17.85 -11.91 13.90
CA ARG A 82 -18.61 -11.58 12.69
C ARG A 82 -17.90 -10.47 11.94
N VAL A 83 -17.39 -10.82 10.75
CA VAL A 83 -16.61 -9.97 9.87
C VAL A 83 -17.27 -8.81 9.14
N GLU A 84 -16.65 -7.64 9.27
CA GLU A 84 -17.08 -6.43 8.59
C GLU A 84 -16.22 -6.25 7.35
N ALA A 85 -16.59 -5.31 6.48
CA ALA A 85 -15.84 -5.02 5.26
C ALA A 85 -14.59 -4.17 5.54
N GLU A 86 -14.47 -3.68 6.77
CA GLU A 86 -13.32 -2.88 7.15
C GLU A 86 -12.20 -3.72 7.78
N ASP A 87 -12.50 -5.00 8.04
CA ASP A 87 -11.51 -5.90 8.66
C ASP A 87 -10.42 -6.38 7.72
N LEU A 88 -10.62 -6.16 6.44
CA LEU A 88 -9.63 -6.62 5.51
C LEU A 88 -8.30 -5.93 5.73
N GLY A 89 -7.24 -6.72 5.71
CA GLY A 89 -5.91 -6.21 5.94
C GLY A 89 -5.11 -7.45 6.22
N VAL A 90 -3.90 -7.26 6.74
CA VAL A 90 -3.02 -8.38 7.08
C VAL A 90 -2.96 -8.39 8.60
N TYR A 91 -2.96 -9.59 9.19
CA TYR A 91 -2.91 -9.74 10.64
C TYR A 91 -1.61 -10.42 11.02
N PHE A 92 -0.92 -9.87 12.01
CA PHE A 92 0.34 -10.44 12.46
C PHE A 92 0.26 -10.76 13.93
N CYS A 93 0.89 -11.85 14.33
CA CYS A 93 0.95 -12.18 15.75
C CYS A 93 2.40 -11.83 16.08
N SER A 94 2.65 -11.38 17.29
CA SER A 94 3.99 -10.99 17.66
C SER A 94 4.26 -11.43 19.09
N GLN A 95 5.53 -11.61 19.44
CA GLN A 95 5.88 -12.01 20.80
C GLN A 95 6.96 -11.12 21.37
N SER A 96 6.83 -10.82 22.66
CA SER A 96 7.83 -10.01 23.33
C SER A 96 8.25 -10.68 24.63
N THR A 97 8.03 -11.98 24.71
CA THR A 97 8.40 -12.77 25.89
C THR A 97 9.92 -12.93 25.83
N HIS A 98 10.39 -13.32 24.64
CA HIS A 98 11.79 -13.56 24.35
C HIS A 98 12.40 -12.48 23.50
N VAL A 99 13.65 -12.17 23.80
CA VAL A 99 14.43 -11.20 23.04
C VAL A 99 15.24 -12.09 22.10
N PRO A 100 15.26 -11.77 20.79
CA PRO A 100 14.58 -10.64 20.15
C PRO A 100 13.08 -10.84 19.93
N ARG A 101 12.37 -9.72 19.84
CA ARG A 101 10.92 -9.69 19.59
C ARG A 101 10.74 -10.26 18.18
N THR A 102 9.65 -10.97 17.94
CA THR A 102 9.41 -11.58 16.64
C THR A 102 7.97 -11.43 16.17
N PHE A 103 7.78 -11.28 14.87
CA PHE A 103 6.45 -11.17 14.28
C PHE A 103 6.16 -12.38 13.42
N GLY A 104 4.88 -12.63 13.18
CA GLY A 104 4.50 -13.75 12.35
C GLY A 104 4.63 -13.27 10.91
N GLY A 105 4.26 -14.11 9.96
CA GLY A 105 4.33 -13.73 8.55
C GLY A 105 3.11 -13.01 8.00
N GLY A 106 2.03 -12.97 8.79
CA GLY A 106 0.83 -12.31 8.34
C GLY A 106 -0.16 -13.27 7.74
N THR A 107 -1.42 -12.87 7.76
CA THR A 107 -2.55 -13.62 7.20
C THR A 107 -3.41 -12.51 6.60
N LYS A 108 -3.65 -12.60 5.30
CA LYS A 108 -4.46 -11.61 4.60
C LYS A 108 -5.94 -12.02 4.64
N LEU A 109 -6.77 -11.14 5.17
CA LEU A 109 -8.20 -11.38 5.27
C LEU A 109 -8.81 -10.94 3.96
N GLU A 110 -9.41 -11.86 3.22
CA GLU A 110 -10.05 -11.52 1.94
C GLU A 110 -11.56 -11.69 2.05
N ILE A 111 -12.30 -10.64 1.74
CA ILE A 111 -13.76 -10.67 1.81
C ILE A 111 -14.39 -11.33 0.57
N LYS A 112 -15.29 -12.28 0.79
CA LYS A 112 -15.99 -12.94 -0.32
C LYS A 112 -17.32 -12.23 -0.39
N ARG A 113 -17.64 -11.71 -1.58
CA ARG A 113 -18.89 -10.99 -1.79
C ARG A 113 -19.45 -11.49 -3.12
N ALA A 114 -20.53 -10.87 -3.56
CA ALA A 114 -21.18 -11.27 -4.80
C ALA A 114 -20.45 -10.86 -6.05
N ASP A 115 -20.54 -11.70 -7.08
CA ASP A 115 -19.92 -11.44 -8.37
C ASP A 115 -20.39 -10.09 -8.88
N ALA A 116 -19.46 -9.36 -9.48
CA ALA A 116 -19.72 -8.04 -10.01
C ALA A 116 -18.97 -7.84 -11.31
N ALA A 117 -19.65 -7.22 -12.26
CA ALA A 117 -19.06 -6.97 -13.57
C ALA A 117 -18.21 -5.72 -13.50
N PRO A 118 -17.09 -5.71 -14.24
CA PRO A 118 -16.22 -4.54 -14.24
C PRO A 118 -16.79 -3.55 -15.22
N THR A 119 -16.74 -2.27 -14.89
CA THR A 119 -17.19 -1.25 -15.84
C THR A 119 -15.87 -0.79 -16.46
N VAL A 120 -15.75 -0.97 -17.77
CA VAL A 120 -14.54 -0.63 -18.50
C VAL A 120 -14.62 0.78 -19.10
N SER A 121 -13.49 1.49 -19.09
CA SER A 121 -13.44 2.82 -19.71
C SER A 121 -12.16 2.92 -20.53
N ILE A 122 -12.27 3.43 -21.75
CA ILE A 122 -11.08 3.53 -22.60
C ILE A 122 -10.71 4.99 -22.88
N PHE A 123 -9.42 5.29 -22.80
CA PHE A 123 -8.92 6.63 -22.97
C PHE A 123 -7.84 6.74 -24.01
N PRO A 124 -8.00 7.66 -24.96
CA PRO A 124 -6.98 7.81 -26.00
C PRO A 124 -5.82 8.64 -25.45
N PRO A 125 -4.66 8.59 -26.13
CA PRO A 125 -3.48 9.36 -25.70
C PRO A 125 -3.83 10.85 -25.64
N SER A 126 -3.28 11.58 -24.69
CA SER A 126 -3.61 13.00 -24.65
C SER A 126 -2.72 13.74 -25.64
N SER A 127 -3.24 14.83 -26.20
CA SER A 127 -2.47 15.66 -27.13
C SER A 127 -1.11 15.99 -26.55
N GLU A 128 -1.13 16.30 -25.25
CA GLU A 128 0.03 16.66 -24.47
C GLU A 128 1.13 15.58 -24.46
N GLN A 129 0.73 14.30 -24.53
CA GLN A 129 1.72 13.23 -24.55
C GLN A 129 2.18 13.01 -25.98
N LEU A 130 1.26 13.12 -26.93
CA LEU A 130 1.58 12.94 -28.35
C LEU A 130 2.66 13.93 -28.71
N THR A 131 2.49 15.15 -28.24
CA THR A 131 3.42 16.23 -28.44
C THR A 131 4.86 15.82 -28.08
N SER A 132 5.02 14.89 -27.17
CA SER A 132 6.35 14.45 -26.79
C SER A 132 6.74 13.15 -27.51
N GLY A 133 5.98 12.81 -28.56
CA GLY A 133 6.25 11.59 -29.31
C GLY A 133 5.95 10.24 -28.65
N GLY A 134 5.19 10.25 -27.56
CA GLY A 134 4.84 9.01 -26.87
C GLY A 134 3.34 8.87 -26.95
N ALA A 135 2.82 7.65 -26.79
CA ALA A 135 1.38 7.46 -26.85
C ALA A 135 0.93 6.23 -26.08
N SER A 136 0.39 6.47 -24.87
CA SER A 136 -0.10 5.43 -24.00
C SER A 136 -1.62 5.43 -24.07
N VAL A 137 -2.20 4.30 -24.40
CA VAL A 137 -3.64 4.18 -24.46
C VAL A 137 -3.96 3.40 -23.17
N VAL A 138 -4.96 3.88 -22.43
CA VAL A 138 -5.32 3.31 -21.12
C VAL A 138 -6.72 2.69 -21.01
N CYS A 139 -6.82 1.66 -20.19
CA CYS A 139 -8.08 0.99 -19.97
C CYS A 139 -8.31 0.72 -18.47
N PHE A 140 -9.41 1.25 -17.92
CA PHE A 140 -9.79 1.03 -16.52
C PHE A 140 -10.89 0.02 -16.48
N LEU A 141 -10.71 -1.00 -15.65
CA LEU A 141 -11.71 -2.04 -15.47
C LEU A 141 -11.98 -1.89 -13.97
N ASN A 142 -12.98 -1.07 -13.65
CA ASN A 142 -13.34 -0.76 -12.27
C ASN A 142 -14.46 -1.56 -11.62
N ASN A 143 -14.36 -1.68 -10.31
CA ASN A 143 -15.32 -2.35 -9.43
C ASN A 143 -15.87 -3.72 -9.85
N PHE A 144 -15.02 -4.74 -9.79
CA PHE A 144 -15.43 -6.09 -10.14
C PHE A 144 -15.03 -7.08 -9.09
N TYR A 145 -15.61 -8.26 -9.19
CA TYR A 145 -15.33 -9.35 -8.28
C TYR A 145 -15.75 -10.64 -9.00
N PRO A 146 -14.90 -11.68 -9.00
CA PRO A 146 -13.57 -11.94 -8.44
C PRO A 146 -12.43 -11.17 -9.10
N LYS A 147 -11.27 -11.19 -8.47
CA LYS A 147 -10.07 -10.52 -8.95
C LYS A 147 -9.58 -11.12 -10.26
N ASP A 148 -9.96 -12.36 -10.53
CA ASP A 148 -9.54 -13.07 -11.73
C ASP A 148 -10.15 -12.44 -12.97
N ILE A 149 -9.32 -11.86 -13.83
CA ILE A 149 -9.80 -11.22 -15.06
C ILE A 149 -8.69 -11.20 -16.12
N ASN A 150 -9.07 -11.19 -17.39
CA ASN A 150 -8.08 -11.17 -18.47
C ASN A 150 -8.33 -10.00 -19.38
N VAL A 151 -7.27 -9.38 -19.86
CA VAL A 151 -7.42 -8.24 -20.76
C VAL A 151 -6.55 -8.38 -22.02
N LYS A 152 -7.13 -8.17 -23.19
CA LYS A 152 -6.39 -8.25 -24.44
C LYS A 152 -6.53 -6.93 -25.19
N TRP A 153 -5.41 -6.40 -25.67
CA TRP A 153 -5.42 -5.18 -26.46
C TRP A 153 -5.41 -5.55 -27.95
N LYS A 154 -6.23 -4.90 -28.73
CA LYS A 154 -6.28 -5.19 -30.15
C LYS A 154 -6.21 -3.91 -30.97
N ILE A 155 -5.38 -3.93 -32.00
CA ILE A 155 -5.16 -2.80 -32.89
C ILE A 155 -5.62 -3.23 -34.27
N ASP A 156 -6.68 -2.60 -34.75
CA ASP A 156 -7.29 -2.90 -36.03
C ASP A 156 -7.55 -4.39 -36.14
N GLY A 157 -7.98 -4.94 -35.01
CA GLY A 157 -8.32 -6.35 -34.93
C GLY A 157 -7.18 -7.29 -34.63
N LYS A 158 -5.97 -6.76 -34.53
CA LYS A 158 -4.80 -7.57 -34.27
C LYS A 158 -4.39 -7.45 -32.80
N GLU A 159 -4.20 -8.58 -32.14
CA GLU A 159 -3.79 -8.59 -30.73
C GLU A 159 -2.34 -8.18 -30.53
N ARG A 160 -2.12 -7.34 -29.53
CA ARG A 160 -0.82 -6.83 -29.16
C ARG A 160 -0.51 -7.33 -27.75
N GLN A 161 0.59 -8.05 -27.60
CA GLN A 161 0.98 -8.58 -26.29
C GLN A 161 2.10 -7.76 -25.65
N ASN A 162 2.99 -7.22 -26.48
CA ASN A 162 4.10 -6.44 -25.96
C ASN A 162 3.72 -4.98 -25.67
N GLY A 163 4.29 -4.44 -24.61
CA GLY A 163 4.03 -3.07 -24.24
C GLY A 163 2.81 -2.79 -23.39
N VAL A 164 2.27 -3.80 -22.68
CA VAL A 164 1.11 -3.55 -21.85
C VAL A 164 1.49 -3.65 -20.37
N LEU A 165 1.05 -2.69 -19.56
CA LEU A 165 1.35 -2.68 -18.12
C LEU A 165 0.02 -2.87 -17.42
N ASN A 166 -0.03 -3.82 -16.50
CA ASN A 166 -1.25 -4.11 -15.74
C ASN A 166 -1.07 -3.90 -14.24
N SER A 167 -2.02 -3.21 -13.62
CA SER A 167 -1.98 -2.92 -12.20
C SER A 167 -3.37 -3.15 -11.57
N TRP A 168 -3.39 -3.80 -10.42
CA TRP A 168 -4.62 -4.11 -9.66
C TRP A 168 -4.59 -3.39 -8.32
N THR A 169 -5.75 -2.98 -7.81
CA THR A 169 -5.79 -2.35 -6.50
C THR A 169 -6.03 -3.46 -5.47
N ASP A 170 -5.84 -3.15 -4.19
CA ASP A 170 -6.12 -4.14 -3.14
C ASP A 170 -7.65 -4.16 -3.14
N GLN A 171 -8.25 -5.12 -2.44
CA GLN A 171 -9.71 -5.20 -2.37
C GLN A 171 -10.20 -3.92 -1.69
N ASN A 172 -11.22 -3.31 -2.28
CA ASN A 172 -11.76 -2.07 -1.75
C ASN A 172 -12.52 -2.29 -0.46
N SER A 173 -12.16 -1.55 0.59
CA SER A 173 -12.84 -1.68 1.89
C SER A 173 -14.28 -1.20 1.85
N LYS A 174 -14.65 -0.45 0.83
CA LYS A 174 -16.00 0.08 0.73
C LYS A 174 -17.01 -0.91 0.20
N ASP A 175 -16.66 -1.61 -0.87
CA ASP A 175 -17.58 -2.57 -1.45
C ASP A 175 -16.97 -3.91 -1.79
N SER A 176 -15.77 -4.16 -1.26
CA SER A 176 -15.07 -5.41 -1.46
C SER A 176 -14.76 -5.82 -2.91
N THR A 177 -14.70 -4.85 -3.82
CA THR A 177 -14.38 -5.15 -5.22
C THR A 177 -12.93 -4.79 -5.56
N TYR A 178 -12.48 -5.21 -6.73
CA TYR A 178 -11.13 -4.92 -7.24
C TYR A 178 -11.23 -4.05 -8.49
N SER A 179 -10.13 -3.38 -8.81
CA SER A 179 -10.04 -2.53 -10.00
C SER A 179 -8.70 -2.85 -10.61
N MET A 180 -8.56 -2.58 -11.89
CA MET A 180 -7.34 -2.85 -12.61
C MET A 180 -7.16 -1.83 -13.74
N SER A 181 -5.93 -1.38 -14.00
CA SER A 181 -5.69 -0.50 -15.15
C SER A 181 -4.66 -1.15 -16.06
N SER A 182 -4.98 -1.23 -17.35
CA SER A 182 -4.11 -1.84 -18.34
C SER A 182 -3.69 -0.76 -19.33
N THR A 183 -2.39 -0.49 -19.39
CA THR A 183 -1.83 0.55 -20.27
C THR A 183 -1.00 -0.02 -21.43
N LEU A 184 -1.39 0.31 -22.65
CA LEU A 184 -0.65 -0.12 -23.85
C LEU A 184 0.13 1.12 -24.34
N THR A 185 1.47 1.04 -24.33
CA THR A 185 2.33 2.15 -24.78
C THR A 185 2.96 1.95 -26.18
N LEU A 186 2.85 2.98 -27.03
CA LEU A 186 3.35 2.97 -28.41
C LEU A 186 4.15 4.25 -28.67
N THR A 187 4.70 4.39 -29.88
CA THR A 187 5.40 5.64 -30.24
C THR A 187 4.27 6.50 -30.83
N LYS A 188 4.49 7.79 -30.92
CA LYS A 188 3.48 8.66 -31.53
C LYS A 188 3.26 8.17 -32.97
N ASP A 189 4.36 7.74 -33.60
CA ASP A 189 4.38 7.24 -34.98
C ASP A 189 3.53 6.01 -35.19
N GLU A 190 3.74 5.00 -34.36
CA GLU A 190 2.95 3.80 -34.50
C GLU A 190 1.47 4.06 -34.23
N TYR A 191 1.19 4.84 -33.20
CA TYR A 191 -0.19 5.16 -32.85
C TYR A 191 -0.90 5.77 -34.07
N GLU A 192 -0.27 6.76 -34.69
CA GLU A 192 -0.86 7.43 -35.87
C GLU A 192 -1.07 6.51 -37.09
N ARG A 193 -0.37 5.38 -37.18
CA ARG A 193 -0.54 4.49 -38.34
C ARG A 193 -1.78 3.59 -38.29
N HIS A 194 -2.60 3.68 -37.25
CA HIS A 194 -3.75 2.81 -37.12
C HIS A 194 -5.07 3.51 -36.81
N ASN A 195 -6.17 2.78 -36.83
CA ASN A 195 -7.45 3.41 -36.59
C ASN A 195 -8.14 3.05 -35.27
N SER A 196 -8.64 1.82 -35.12
CA SER A 196 -9.31 1.47 -33.88
C SER A 196 -8.47 0.72 -32.84
N TYR A 197 -8.61 1.15 -31.59
CA TYR A 197 -7.91 0.57 -30.43
C TYR A 197 -8.94 -0.07 -29.50
N THR A 198 -8.80 -1.37 -29.30
CA THR A 198 -9.70 -2.16 -28.49
C THR A 198 -9.13 -2.82 -27.23
N CYS A 199 -9.89 -2.68 -26.16
CA CYS A 199 -9.60 -3.21 -24.84
C CYS A 199 -10.66 -4.30 -24.63
N GLU A 200 -10.22 -5.55 -24.51
CA GLU A 200 -11.14 -6.68 -24.34
C GLU A 200 -10.94 -7.39 -23.03
N ALA A 201 -11.99 -7.47 -22.23
CA ALA A 201 -11.86 -8.15 -20.95
C ALA A 201 -12.68 -9.42 -20.86
N THR A 202 -12.09 -10.43 -20.25
CA THR A 202 -12.73 -11.71 -20.06
C THR A 202 -12.90 -11.96 -18.56
N HIS A 203 -14.15 -11.97 -18.11
CA HIS A 203 -14.47 -12.19 -16.70
C HIS A 203 -15.57 -13.23 -16.61
N LYS A 204 -15.60 -13.97 -15.49
CA LYS A 204 -16.61 -15.01 -15.28
C LYS A 204 -18.06 -14.51 -15.26
N THR A 205 -18.24 -13.21 -15.10
CA THR A 205 -19.57 -12.66 -15.07
C THR A 205 -20.18 -12.48 -16.46
N SER A 206 -19.38 -12.70 -17.49
CA SER A 206 -19.88 -12.55 -18.86
C SER A 206 -19.45 -13.71 -19.76
N THR A 207 -20.38 -14.14 -20.61
CA THR A 207 -20.14 -15.24 -21.55
C THR A 207 -19.21 -14.70 -22.64
N SER A 208 -19.62 -13.59 -23.22
CA SER A 208 -18.85 -12.93 -24.26
C SER A 208 -17.93 -11.92 -23.55
N PRO A 209 -16.79 -11.61 -24.17
CA PRO A 209 -15.85 -10.66 -23.56
C PRO A 209 -16.47 -9.28 -23.50
N ILE A 210 -16.13 -8.52 -22.46
CA ILE A 210 -16.62 -7.16 -22.33
C ILE A 210 -15.63 -6.30 -23.13
N VAL A 211 -16.14 -5.59 -24.13
CA VAL A 211 -15.33 -4.80 -25.05
C VAL A 211 -15.47 -3.29 -25.01
N LYS A 212 -14.37 -2.60 -25.26
CA LYS A 212 -14.35 -1.14 -25.29
C LYS A 212 -13.34 -0.71 -26.35
N SER A 213 -13.80 0.05 -27.35
CA SER A 213 -12.94 0.52 -28.45
C SER A 213 -13.15 1.98 -28.74
N PHE A 214 -12.18 2.56 -29.42
CA PHE A 214 -12.30 3.93 -29.87
C PHE A 214 -11.56 3.95 -31.19
N ASN A 215 -12.07 4.72 -32.15
CA ASN A 215 -11.42 4.84 -33.45
C ASN A 215 -10.96 6.27 -33.52
N ARG A 216 -9.82 6.55 -34.16
CA ARG A 216 -9.36 7.92 -34.25
C ARG A 216 -10.17 8.75 -35.27
N ASN A 217 -11.26 9.31 -34.77
CA ASN A 217 -12.21 10.13 -35.51
C ASN A 217 -13.27 10.41 -34.42
N GLU A 218 -12.81 11.14 -33.40
CA GLU A 218 -13.65 11.50 -32.24
C GLU A 218 -14.24 12.90 -32.38
N GLN B 1 -2.92 13.76 22.87
CA GLN B 1 -2.71 12.61 21.94
C GLN B 1 -1.21 12.32 21.76
N VAL B 2 -0.84 11.04 21.86
CA VAL B 2 0.57 10.66 21.67
C VAL B 2 0.81 10.59 20.16
N GLN B 3 1.93 11.17 19.73
CA GLN B 3 2.23 11.24 18.31
C GLN B 3 3.71 11.06 18.01
N LEU B 4 4.01 10.11 17.14
CA LEU B 4 5.39 9.85 16.73
C LEU B 4 5.50 10.27 15.27
N GLN B 5 6.19 11.39 15.04
CA GLN B 5 6.38 11.94 13.69
C GLN B 5 7.68 11.51 13.01
N GLN B 6 7.55 10.82 11.88
CA GLN B 6 8.70 10.35 11.12
C GLN B 6 8.86 11.11 9.81
N SER B 7 9.91 10.77 9.07
CA SER B 7 10.23 11.41 7.81
C SER B 7 9.24 11.08 6.70
N GLY B 8 9.61 10.19 5.80
CA GLY B 8 8.69 9.87 4.73
C GLY B 8 9.38 9.07 3.66
N ALA B 9 10.44 9.63 3.12
CA ALA B 9 11.20 8.95 2.08
C ALA B 9 12.65 9.38 2.21
N GLU B 10 13.53 8.56 1.65
CA GLU B 10 14.95 8.81 1.65
C GLU B 10 15.56 8.05 0.49
N LEU B 11 16.31 8.75 -0.35
CA LEU B 11 16.98 8.09 -1.47
C LEU B 11 18.42 8.20 -1.02
N VAL B 12 19.18 7.11 -1.13
CA VAL B 12 20.59 7.13 -0.76
C VAL B 12 21.38 6.24 -1.69
N LYS B 13 22.64 6.60 -1.88
CA LYS B 13 23.52 5.83 -2.74
C LYS B 13 24.00 4.61 -2.00
N PRO B 14 24.23 3.51 -2.72
CA PRO B 14 24.71 2.29 -2.07
C PRO B 14 25.99 2.61 -1.30
N GLY B 15 26.30 1.84 -0.28
CA GLY B 15 27.50 2.11 0.49
C GLY B 15 27.43 3.38 1.34
N ALA B 16 26.40 4.19 1.17
CA ALA B 16 26.30 5.39 1.98
C ALA B 16 25.71 5.02 3.33
N SER B 17 25.51 6.02 4.17
CA SER B 17 24.92 5.85 5.50
C SER B 17 23.64 6.69 5.52
N VAL B 18 22.94 6.73 6.64
CA VAL B 18 21.71 7.51 6.72
C VAL B 18 21.25 7.55 8.18
N LYS B 19 20.49 8.58 8.55
CA LYS B 19 20.00 8.70 9.92
C LYS B 19 18.55 9.17 9.95
N LEU B 20 17.66 8.30 10.42
CA LEU B 20 16.24 8.64 10.50
C LEU B 20 15.90 9.22 11.87
N SER B 21 14.85 10.03 11.91
CA SER B 21 14.42 10.70 13.12
C SER B 21 12.99 10.33 13.54
N CYS B 22 12.68 10.59 14.81
CA CYS B 22 11.38 10.27 15.37
C CYS B 22 11.04 11.25 16.52
N LYS B 23 10.18 12.21 16.23
CA LYS B 23 9.77 13.20 17.23
C LYS B 23 8.64 12.63 18.06
N ALA B 24 8.82 12.65 19.38
CA ALA B 24 7.82 12.14 20.30
C ALA B 24 7.02 13.26 20.96
N SER B 25 5.72 13.25 20.73
CA SER B 25 4.80 14.22 21.29
C SER B 25 3.72 13.47 22.05
N GLY B 26 2.79 14.21 22.66
CA GLY B 26 1.69 13.62 23.38
C GLY B 26 1.92 12.76 24.62
N TYR B 27 3.14 12.71 25.14
CA TYR B 27 3.44 11.92 26.32
C TYR B 27 4.84 12.27 26.84
N THR B 28 5.18 11.74 28.02
CA THR B 28 6.49 11.96 28.63
C THR B 28 7.53 11.07 27.96
N PHE B 29 8.20 11.63 26.95
CA PHE B 29 9.24 10.96 26.16
C PHE B 29 10.08 9.99 26.98
N THR B 30 10.45 10.41 28.18
CA THR B 30 11.29 9.62 29.07
C THR B 30 10.70 8.33 29.70
N SER B 31 9.37 8.24 29.75
CA SER B 31 8.69 7.10 30.37
C SER B 31 8.73 5.74 29.66
N TYR B 32 8.78 5.74 28.33
CA TYR B 32 8.79 4.48 27.56
C TYR B 32 10.02 4.39 26.66
N TRP B 33 10.44 3.16 26.38
CA TRP B 33 11.59 2.89 25.50
C TRP B 33 11.18 3.08 24.05
N MET B 34 12.12 3.47 23.20
CA MET B 34 11.84 3.66 21.78
C MET B 34 12.31 2.45 20.97
N GLN B 35 11.40 1.90 20.18
CA GLN B 35 11.66 0.72 19.36
C GLN B 35 11.77 1.11 17.90
N TRP B 36 12.40 0.24 17.10
CA TRP B 36 12.59 0.42 15.68
C TRP B 36 12.31 -0.88 14.95
N VAL B 37 11.45 -0.85 13.94
CA VAL B 37 11.08 -2.05 13.21
C VAL B 37 11.32 -1.80 11.72
N LYS B 38 11.63 -2.86 10.99
CA LYS B 38 11.89 -2.76 9.57
C LYS B 38 10.85 -3.61 8.85
N GLN B 39 10.40 -3.17 7.68
CA GLN B 39 9.41 -3.92 6.91
C GLN B 39 9.60 -3.72 5.43
N ARG B 40 9.76 -4.83 4.72
CA ARG B 40 9.93 -4.78 3.28
C ARG B 40 8.67 -5.39 2.69
N PRO B 41 8.25 -4.92 1.48
CA PRO B 41 7.09 -5.35 0.70
C PRO B 41 6.47 -6.69 1.09
N GLY B 42 7.31 -7.71 1.28
CA GLY B 42 6.82 -9.00 1.69
C GLY B 42 6.51 -8.91 3.17
N GLN B 43 5.45 -8.15 3.50
CA GLN B 43 4.92 -7.87 4.84
C GLN B 43 5.68 -8.15 6.14
N GLY B 44 6.38 -9.28 6.22
CA GLY B 44 7.14 -9.62 7.41
C GLY B 44 7.88 -8.44 8.03
N LEU B 45 7.71 -8.29 9.34
CA LEU B 45 8.35 -7.22 10.09
C LEU B 45 9.51 -7.78 10.88
N GLU B 46 10.56 -7.00 11.06
CA GLU B 46 11.75 -7.44 11.79
C GLU B 46 12.17 -6.37 12.80
N TRP B 47 12.33 -6.76 14.05
CA TRP B 47 12.70 -5.87 15.15
C TRP B 47 14.19 -5.54 15.10
N ILE B 48 14.52 -4.25 15.22
CA ILE B 48 15.91 -3.78 15.18
C ILE B 48 16.47 -3.55 16.58
N GLY B 49 15.84 -2.72 17.38
CA GLY B 49 16.36 -2.50 18.71
C GLY B 49 15.53 -1.52 19.50
N GLU B 50 16.07 -1.06 20.63
CA GLU B 50 15.38 -0.13 21.51
C GLU B 50 16.32 0.74 22.35
N ILE B 51 15.86 1.91 22.75
CA ILE B 51 16.66 2.80 23.55
C ILE B 51 15.82 3.38 24.69
N ASP B 52 16.46 3.56 25.84
CA ASP B 52 15.78 4.12 27.00
C ASP B 52 16.11 5.61 27.08
N PRO B 53 15.14 6.46 26.76
CA PRO B 53 15.33 7.92 26.81
C PRO B 53 15.87 8.46 28.13
N SER B 54 15.46 7.89 29.26
CA SER B 54 15.90 8.38 30.56
C SER B 54 17.41 8.31 30.80
N ASP B 55 18.03 7.22 30.38
CA ASP B 55 19.47 7.06 30.56
C ASP B 55 20.18 6.84 29.24
N SER B 56 19.40 6.87 28.16
CA SER B 56 19.91 6.66 26.80
C SER B 56 20.60 5.29 26.68
N TYR B 57 20.22 4.39 27.58
CA TYR B 57 20.73 3.03 27.62
C TYR B 57 20.15 2.34 26.38
N THR B 58 20.90 1.44 25.76
CA THR B 58 20.46 0.80 24.53
C THR B 58 20.44 -0.74 24.53
N ASN B 59 19.64 -1.30 23.63
CA ASN B 59 19.47 -2.75 23.44
C ASN B 59 19.22 -2.99 21.93
N TYR B 60 20.00 -3.88 21.29
CA TYR B 60 19.83 -4.14 19.85
C TYR B 60 19.68 -5.61 19.52
N ASN B 61 19.02 -5.88 18.39
CA ASN B 61 18.84 -7.23 17.90
C ASN B 61 20.18 -7.52 17.25
N GLN B 62 20.70 -8.72 17.43
CA GLN B 62 21.99 -9.07 16.85
C GLN B 62 22.14 -8.78 15.34
N LYS B 63 21.17 -9.14 14.53
CA LYS B 63 21.27 -8.93 13.08
C LYS B 63 21.52 -7.48 12.65
N PHE B 64 21.26 -6.54 13.53
CA PHE B 64 21.45 -5.15 13.20
C PHE B 64 22.52 -4.50 14.06
N LYS B 65 23.23 -5.31 14.83
CA LYS B 65 24.30 -4.82 15.69
C LYS B 65 25.31 -4.14 14.79
N GLY B 66 25.55 -4.76 13.64
CA GLY B 66 26.47 -4.21 12.67
C GLY B 66 25.82 -3.43 11.53
N LYS B 67 24.78 -2.65 11.85
CA LYS B 67 24.06 -1.83 10.87
C LYS B 67 23.48 -0.55 11.47
N ALA B 68 22.95 -0.62 12.69
CA ALA B 68 22.32 0.54 13.30
C ALA B 68 22.78 0.99 14.69
N THR B 69 22.70 2.29 14.93
CA THR B 69 23.07 2.90 16.20
C THR B 69 21.99 3.92 16.55
N LEU B 70 21.53 3.89 17.80
CA LEU B 70 20.46 4.78 18.24
C LEU B 70 20.93 5.82 19.23
N THR B 71 20.27 6.99 19.18
CA THR B 71 20.57 8.14 20.03
C THR B 71 19.23 8.78 20.41
N VAL B 72 19.24 9.74 21.33
CA VAL B 72 17.97 10.33 21.76
C VAL B 72 18.05 11.80 22.23
N ASP B 73 16.86 12.38 22.42
CA ASP B 73 16.59 13.75 22.89
C ASP B 73 16.74 14.91 21.91
N SER B 77 12.47 16.17 22.11
CA SER B 77 12.03 14.77 22.38
C SER B 77 12.17 14.00 21.07
N THR B 78 13.40 13.74 20.67
CA THR B 78 13.62 13.04 19.42
C THR B 78 14.50 11.83 19.60
N ALA B 79 14.25 10.80 18.80
CA ALA B 79 15.02 9.59 18.85
C ALA B 79 15.50 9.43 17.44
N TYR B 80 16.70 8.89 17.27
CA TYR B 80 17.30 8.70 15.95
C TYR B 80 17.86 7.29 15.80
N MET B 81 17.94 6.83 14.57
CA MET B 81 18.53 5.54 14.27
C MET B 81 19.33 5.76 13.02
N GLN B 82 20.57 5.30 13.02
CA GLN B 82 21.44 5.48 11.88
C GLN B 82 21.81 4.15 11.29
N LEU B 83 21.73 4.04 9.97
CA LEU B 83 22.09 2.84 9.27
C LEU B 83 23.40 3.12 8.58
N SER B 84 24.12 2.08 8.23
CA SER B 84 25.42 2.25 7.60
C SER B 84 25.70 1.20 6.54
N SER B 85 26.46 1.59 5.51
CA SER B 85 26.83 0.69 4.43
C SER B 85 25.60 0.06 3.79
N LEU B 86 24.72 0.92 3.30
CA LEU B 86 23.46 0.53 2.68
C LEU B 86 23.58 -0.29 1.42
N THR B 87 22.66 -1.23 1.24
CA THR B 87 22.62 -2.09 0.05
C THR B 87 21.17 -2.19 -0.42
N SER B 88 20.95 -2.76 -1.60
CA SER B 88 19.59 -2.89 -2.15
C SER B 88 18.62 -3.60 -1.22
N GLU B 89 19.16 -4.42 -0.33
CA GLU B 89 18.32 -5.14 0.61
C GLU B 89 17.84 -4.19 1.70
N ASP B 90 18.65 -3.15 1.97
CA ASP B 90 18.30 -2.17 2.98
C ASP B 90 17.12 -1.31 2.58
N SER B 91 16.72 -1.42 1.32
CA SER B 91 15.57 -0.66 0.86
C SER B 91 14.36 -1.24 1.58
N ALA B 92 13.73 -0.43 2.42
CA ALA B 92 12.56 -0.85 3.19
C ALA B 92 11.90 0.30 3.96
N VAL B 93 10.80 0.01 4.65
CA VAL B 93 10.14 1.03 5.46
C VAL B 93 10.63 0.79 6.89
N TYR B 94 11.03 1.86 7.58
CA TYR B 94 11.52 1.76 8.92
C TYR B 94 10.54 2.48 9.84
N TYR B 95 10.25 1.88 11.00
CA TYR B 95 9.32 2.46 11.95
C TYR B 95 9.88 2.65 13.34
N CYS B 96 9.52 3.76 13.98
CA CYS B 96 9.90 3.97 15.37
C CYS B 96 8.54 3.71 16.05
N ALA B 97 8.55 3.23 17.29
CA ALA B 97 7.30 2.92 17.97
C ALA B 97 7.47 2.60 19.45
N ASN B 98 6.47 2.95 20.25
CA ASN B 98 6.48 2.62 21.67
C ASN B 98 5.63 1.34 21.75
N LEU B 99 6.30 0.22 21.97
CA LEU B 99 5.64 -1.07 22.03
C LEU B 99 5.58 -1.68 23.43
N ARG B 100 4.78 -1.13 24.34
CA ARG B 100 4.70 -1.72 25.69
C ARG B 100 3.28 -2.03 26.17
N GLY B 101 2.83 -3.24 25.91
CA GLY B 101 1.49 -3.62 26.33
C GLY B 101 0.40 -2.77 25.71
N TYR B 102 -0.31 -2.01 26.52
CA TYR B 102 -1.40 -1.15 26.02
C TYR B 102 -0.96 0.25 25.61
N PHE B 103 0.31 0.57 25.82
CA PHE B 103 0.81 1.84 25.34
C PHE B 103 1.55 1.33 24.11
N ASP B 104 0.88 1.43 22.97
CA ASP B 104 1.43 0.95 21.70
C ASP B 104 1.15 2.00 20.68
N TYR B 105 2.21 2.67 20.23
CA TYR B 105 2.10 3.76 19.26
C TYR B 105 3.22 3.69 18.25
N TRP B 106 2.85 3.63 16.97
CA TRP B 106 3.80 3.55 15.87
C TRP B 106 3.91 4.87 15.12
N GLY B 107 5.07 5.08 14.50
CA GLY B 107 5.26 6.28 13.71
C GLY B 107 4.81 5.85 12.33
N GLN B 108 4.72 6.79 11.41
CA GLN B 108 4.28 6.52 10.03
C GLN B 108 5.25 5.75 9.14
N GLY B 109 6.47 5.57 9.61
CA GLY B 109 7.46 4.85 8.84
C GLY B 109 8.14 5.71 7.79
N THR B 110 9.45 5.58 7.69
CA THR B 110 10.21 6.32 6.71
C THR B 110 10.59 5.29 5.67
N THR B 111 10.29 5.60 4.41
CA THR B 111 10.62 4.72 3.31
C THR B 111 12.09 4.96 2.96
N LEU B 112 12.86 3.89 2.84
CA LEU B 112 14.29 4.00 2.54
C LEU B 112 14.60 3.35 1.20
N THR B 113 14.91 4.17 0.21
CA THR B 113 15.25 3.67 -1.11
C THR B 113 16.75 3.84 -1.34
N VAL B 114 17.49 2.74 -1.44
CA VAL B 114 18.92 2.87 -1.70
C VAL B 114 19.11 2.69 -3.20
N SER B 115 19.46 3.78 -3.86
CA SER B 115 19.66 3.72 -5.28
C SER B 115 20.58 4.82 -5.73
N SER B 116 21.32 4.47 -6.75
CA SER B 116 22.28 5.35 -7.39
C SER B 116 21.53 6.22 -8.39
N ALA B 117 20.29 5.82 -8.69
CA ALA B 117 19.44 6.52 -9.65
C ALA B 117 19.17 7.98 -9.32
N LYS B 118 18.95 8.72 -10.39
CA LYS B 118 18.69 10.14 -10.36
C LYS B 118 17.22 10.38 -10.01
N THR B 119 16.99 11.30 -9.09
CA THR B 119 15.65 11.69 -8.68
C THR B 119 15.01 12.29 -9.92
N THR B 120 13.91 11.70 -10.38
CA THR B 120 13.24 12.21 -11.57
C THR B 120 11.77 12.57 -11.30
N PRO B 121 11.35 13.77 -11.74
CA PRO B 121 10.00 14.31 -11.59
C PRO B 121 9.02 13.61 -12.52
N PRO B 122 7.76 13.48 -12.10
CA PRO B 122 6.77 12.81 -12.95
C PRO B 122 6.16 13.67 -14.04
N SER B 123 5.79 13.04 -15.14
CA SER B 123 5.07 13.75 -16.20
C SER B 123 3.59 13.40 -15.93
N VAL B 124 2.69 14.37 -15.98
CA VAL B 124 1.29 14.08 -15.70
C VAL B 124 0.43 14.32 -16.93
N TYR B 125 -0.32 13.30 -17.36
CA TYR B 125 -1.19 13.45 -18.52
C TYR B 125 -2.62 13.19 -18.09
N PRO B 126 -3.55 14.02 -18.57
CA PRO B 126 -4.95 13.87 -18.22
C PRO B 126 -5.58 12.82 -19.10
N LEU B 127 -6.51 12.05 -18.53
CA LEU B 127 -7.22 11.02 -19.29
C LEU B 127 -8.68 11.41 -19.23
N ALA B 128 -9.19 11.81 -20.38
CA ALA B 128 -10.57 12.20 -20.55
C ALA B 128 -11.05 11.29 -21.67
N PRO B 129 -12.32 10.88 -21.63
CA PRO B 129 -12.91 10.00 -22.64
C PRO B 129 -12.83 10.53 -24.05
N GLY B 130 -12.77 9.59 -25.00
CA GLY B 130 -12.72 9.94 -26.40
C GLY B 130 -14.11 10.33 -26.87
N THR B 135 -20.48 7.91 -22.84
CA THR B 135 -21.95 7.91 -22.59
C THR B 135 -22.18 7.22 -21.25
N GLY B 136 -23.28 7.57 -20.57
CA GLY B 136 -23.58 6.93 -19.30
C GLY B 136 -24.02 7.85 -18.16
N SER B 137 -24.49 7.24 -17.08
CA SER B 137 -24.95 7.98 -15.90
C SER B 137 -23.77 8.50 -15.09
N SER B 138 -22.62 7.85 -15.26
CA SER B 138 -21.39 8.20 -14.57
C SER B 138 -20.27 8.35 -15.60
N VAL B 139 -19.32 9.21 -15.30
CA VAL B 139 -18.17 9.43 -16.16
C VAL B 139 -16.90 9.28 -15.32
N THR B 140 -16.02 8.38 -15.78
CA THR B 140 -14.75 8.10 -15.14
C THR B 140 -13.64 8.91 -15.85
N LEU B 141 -12.90 9.69 -15.08
CA LEU B 141 -11.81 10.48 -15.61
C LEU B 141 -10.58 9.90 -14.98
N GLY B 142 -9.39 10.31 -15.45
CA GLY B 142 -8.18 9.78 -14.88
C GLY B 142 -6.96 10.64 -15.09
N CYS B 143 -5.87 10.26 -14.46
CA CYS B 143 -4.58 10.96 -14.60
C CYS B 143 -3.48 9.92 -14.63
N LEU B 144 -2.64 9.98 -15.65
CA LEU B 144 -1.51 9.07 -15.84
C LEU B 144 -0.24 9.80 -15.35
N VAL B 145 0.41 9.26 -14.33
CA VAL B 145 1.63 9.86 -13.79
C VAL B 145 2.78 8.97 -14.20
N LYS B 146 3.48 9.39 -15.26
CA LYS B 146 4.56 8.63 -15.86
C LYS B 146 5.99 9.16 -15.70
N GLY B 147 6.92 8.22 -15.53
CA GLY B 147 8.35 8.50 -15.44
C GLY B 147 8.97 9.21 -14.27
N TYR B 148 8.74 8.74 -13.05
CA TYR B 148 9.33 9.41 -11.89
C TYR B 148 10.16 8.45 -11.07
N PHE B 149 10.95 9.03 -10.17
CA PHE B 149 11.77 8.26 -9.27
C PHE B 149 12.21 9.24 -8.21
N PRO B 150 12.17 8.84 -6.93
CA PRO B 150 11.69 7.52 -6.51
C PRO B 150 10.21 7.52 -6.14
N GLU B 151 9.80 6.48 -5.45
CA GLU B 151 8.44 6.39 -4.97
C GLU B 151 8.40 7.27 -3.71
N SER B 152 7.24 7.79 -3.35
CA SER B 152 5.96 7.64 -4.04
C SER B 152 5.47 8.95 -4.63
N VAL B 153 4.18 8.95 -4.96
CA VAL B 153 3.51 10.11 -5.50
C VAL B 153 2.13 10.08 -4.81
N THR B 154 1.51 11.26 -4.71
CA THR B 154 0.21 11.36 -4.09
C THR B 154 -0.75 12.07 -5.04
N VAL B 155 -1.73 11.35 -5.57
CA VAL B 155 -2.70 11.96 -6.46
C VAL B 155 -3.97 12.22 -5.66
N THR B 156 -4.44 13.46 -5.71
CA THR B 156 -5.68 13.85 -5.03
C THR B 156 -6.53 14.52 -6.11
N TRP B 157 -7.86 14.53 -5.91
CA TRP B 157 -8.79 15.13 -6.86
C TRP B 157 -9.55 16.27 -6.18
N ASN B 158 -9.62 17.41 -6.86
CA ASN B 158 -10.24 18.63 -6.32
C ASN B 158 -9.68 18.92 -4.92
N SER B 159 -8.35 18.78 -4.83
CA SER B 159 -7.53 18.94 -3.62
C SER B 159 -7.88 17.89 -2.56
N GLY B 160 -8.43 16.77 -2.99
CA GLY B 160 -8.77 15.74 -2.03
C GLY B 160 -10.13 15.96 -1.41
N SER B 161 -10.97 16.77 -2.04
CA SER B 161 -12.32 16.97 -1.54
C SER B 161 -13.24 16.00 -2.29
N LEU B 162 -12.73 15.46 -3.40
CA LEU B 162 -13.41 14.46 -4.22
C LEU B 162 -12.72 13.15 -3.89
N SER B 163 -13.21 12.47 -2.87
CA SER B 163 -12.58 11.24 -2.46
C SER B 163 -13.45 10.00 -2.38
N SER B 164 -14.71 10.08 -2.79
CA SER B 164 -15.58 8.93 -2.65
C SER B 164 -15.47 7.79 -3.66
N SER B 165 -15.11 8.10 -4.89
CA SER B 165 -15.03 7.08 -5.93
C SER B 165 -13.67 6.99 -6.61
N VAL B 166 -12.61 7.23 -5.87
CA VAL B 166 -11.25 7.23 -6.41
C VAL B 166 -10.55 5.88 -6.36
N HIS B 167 -9.76 5.61 -7.38
CA HIS B 167 -9.00 4.38 -7.44
C HIS B 167 -7.57 4.78 -7.75
N THR B 168 -6.66 4.40 -6.86
CA THR B 168 -5.26 4.69 -7.02
C THR B 168 -4.58 3.40 -7.37
N PHE B 169 -4.00 3.31 -8.56
CA PHE B 169 -3.36 2.07 -8.96
C PHE B 169 -1.88 2.06 -8.58
N PRO B 170 -1.38 0.94 -8.02
CA PRO B 170 0.02 0.87 -7.63
C PRO B 170 1.00 1.09 -8.80
N ALA B 171 2.12 1.71 -8.47
CA ALA B 171 3.16 2.05 -9.43
C ALA B 171 3.91 0.85 -9.87
N LEU B 172 4.25 0.84 -11.15
CA LEU B 172 5.02 -0.24 -11.75
C LEU B 172 6.30 0.37 -12.30
N LEU B 173 7.32 -0.45 -12.37
CA LEU B 173 8.61 -0.02 -12.89
C LEU B 173 8.54 -0.18 -14.39
N GLN B 174 8.77 0.91 -15.11
CA GLN B 174 8.77 0.88 -16.57
C GLN B 174 10.03 1.62 -17.01
N SER B 175 10.97 0.86 -17.58
CA SER B 175 12.24 1.42 -18.05
C SER B 175 13.05 2.05 -16.91
N GLY B 176 13.10 1.39 -15.77
CA GLY B 176 13.83 1.94 -14.64
C GLY B 176 13.24 3.24 -14.11
N LEU B 177 11.97 3.49 -14.35
CA LEU B 177 11.30 4.69 -13.89
C LEU B 177 9.86 4.26 -13.59
N TYR B 178 9.23 4.81 -12.56
CA TYR B 178 7.88 4.41 -12.17
C TYR B 178 6.73 5.04 -12.95
N THR B 179 5.60 4.32 -13.00
CA THR B 179 4.42 4.80 -13.69
C THR B 179 3.20 4.33 -12.90
N MET B 180 2.24 5.23 -12.70
CA MET B 180 1.01 4.90 -12.00
C MET B 180 -0.14 5.75 -12.56
N SER B 181 -1.38 5.39 -12.23
CA SER B 181 -2.55 6.14 -12.68
C SER B 181 -3.58 6.25 -11.56
N SER B 182 -4.46 7.23 -11.66
CA SER B 182 -5.48 7.40 -10.64
C SER B 182 -6.74 7.74 -11.40
N SER B 183 -7.88 7.27 -10.90
CA SER B 183 -9.16 7.53 -11.54
C SER B 183 -10.21 8.03 -10.55
N VAL B 184 -11.21 8.76 -11.06
CA VAL B 184 -12.29 9.27 -10.24
C VAL B 184 -13.53 9.16 -11.11
N THR B 185 -14.68 8.86 -10.50
CA THR B 185 -15.94 8.72 -11.23
C THR B 185 -16.90 9.77 -10.68
N VAL B 186 -17.53 10.54 -11.56
CA VAL B 186 -18.45 11.59 -11.13
C VAL B 186 -19.76 11.51 -11.91
N PRO B 187 -20.82 12.17 -11.42
CA PRO B 187 -22.10 12.13 -12.15
C PRO B 187 -21.82 12.70 -13.53
N SER B 188 -22.38 12.08 -14.55
CA SER B 188 -22.18 12.52 -15.94
C SER B 188 -22.60 13.96 -16.21
N SER B 189 -23.59 14.44 -15.47
CA SER B 189 -24.09 15.79 -15.64
C SER B 189 -23.18 16.85 -15.03
N THR B 190 -22.16 16.41 -14.30
CA THR B 190 -21.27 17.37 -13.65
C THR B 190 -19.98 17.69 -14.39
N TRP B 191 -19.66 16.92 -15.42
CA TRP B 191 -18.46 17.18 -16.20
C TRP B 191 -18.95 17.12 -17.64
N PRO B 192 -18.51 18.05 -18.48
CA PRO B 192 -17.56 19.10 -18.10
C PRO B 192 -18.08 20.36 -17.48
N SER B 193 -19.39 20.48 -17.23
CA SER B 193 -19.90 21.72 -16.66
C SER B 193 -19.04 22.21 -15.46
N GLN B 194 -18.66 21.29 -14.58
CA GLN B 194 -17.81 21.60 -13.44
C GLN B 194 -16.50 20.95 -13.81
N THR B 195 -15.39 21.52 -13.38
CA THR B 195 -14.13 20.89 -13.70
C THR B 195 -13.56 20.17 -12.52
N VAL B 196 -12.87 19.07 -12.81
CA VAL B 196 -12.21 18.28 -11.79
C VAL B 196 -10.73 18.36 -12.17
N THR B 197 -9.88 18.33 -11.15
CA THR B 197 -8.46 18.46 -11.38
C THR B 197 -7.73 17.48 -10.50
N CYS B 198 -6.72 16.83 -11.06
CA CYS B 198 -5.94 15.92 -10.25
C CYS B 198 -4.70 16.67 -9.80
N SER B 199 -4.34 16.54 -8.52
CA SER B 199 -3.15 17.16 -7.99
C SER B 199 -2.14 16.05 -7.74
N VAL B 200 -0.96 16.16 -8.34
CA VAL B 200 0.08 15.17 -8.19
C VAL B 200 1.28 15.73 -7.40
N ALA B 201 1.62 15.10 -6.29
CA ALA B 201 2.74 15.56 -5.47
C ALA B 201 3.87 14.55 -5.46
N HIS B 202 5.06 14.98 -5.83
CA HIS B 202 6.25 14.13 -5.83
C HIS B 202 7.28 14.91 -5.01
N PRO B 203 7.19 14.83 -3.68
CA PRO B 203 8.05 15.51 -2.71
C PRO B 203 9.55 15.28 -2.91
N ALA B 204 9.89 14.07 -3.37
CA ALA B 204 11.27 13.70 -3.61
C ALA B 204 11.91 14.69 -4.59
N SER B 205 11.11 15.22 -5.51
CA SER B 205 11.62 16.18 -6.45
C SER B 205 10.92 17.53 -6.21
N SER B 206 10.36 17.71 -5.03
CA SER B 206 9.63 18.93 -4.67
C SER B 206 8.74 19.39 -5.83
N THR B 207 7.86 18.48 -6.25
CA THR B 207 6.97 18.73 -7.35
C THR B 207 5.54 18.65 -6.87
N THR B 208 4.72 19.50 -7.49
CA THR B 208 3.29 19.59 -7.26
C THR B 208 2.78 20.12 -8.58
N VAL B 209 2.06 19.28 -9.32
CA VAL B 209 1.54 19.67 -10.61
C VAL B 209 0.06 19.49 -10.51
N ASP B 210 -0.69 20.30 -11.22
CA ASP B 210 -2.13 20.17 -11.25
C ASP B 210 -2.48 19.95 -12.69
N LYS B 211 -3.46 19.08 -12.93
CA LYS B 211 -3.91 18.79 -14.27
C LYS B 211 -5.45 18.95 -14.30
N LYS B 212 -5.92 19.86 -15.12
CA LYS B 212 -7.34 20.13 -15.25
C LYS B 212 -7.89 19.24 -16.34
N LEU B 213 -9.00 18.55 -16.07
CA LEU B 213 -9.56 17.68 -17.09
C LEU B 213 -10.62 18.40 -17.92
N GLU B 214 -10.35 18.41 -19.23
CA GLU B 214 -11.15 19.06 -20.24
C GLU B 214 -11.44 18.01 -21.31
N PRO B 215 -12.58 18.14 -21.99
CA PRO B 215 -13.04 17.24 -23.04
C PRO B 215 -11.99 17.01 -24.13
#